data_6JWE
#
_entry.id   6JWE
#
loop_
_entity.id
_entity.type
_entity.pdbx_description
1 polymer "DNA (5'-D(*GP*GP*GP*GP*CP*GP*GP*GP*GP*CP*GP*GP*GP*GP*CP*GP*GP*GP*GP*T)-3')"
2 non-polymer N-[(7S)-1,2,3,10-tetramethoxy-9-oxo-6,7-dihydro-5H-benzo[d]heptalen-7-yl]ethanamide
#
_entity_poly.entity_id   1
_entity_poly.type   'polydeoxyribonucleotide'
_entity_poly.pdbx_seq_one_letter_code
;(DG)(DG)(DG)(DG)(DC)(DG)(DG)(DG)(DG)(DC)(DG)(DG)(DG)(DG)(DC)(DG)(DG)(DG)(DG)(DT)
;
_entity_poly.pdbx_strand_id   A
#
loop_
_chem_comp.id
_chem_comp.type
_chem_comp.name
_chem_comp.formula
DC DNA linking 2'-DEOXYCYTIDINE-5'-MONOPHOSPHATE 'C9 H14 N3 O7 P'
DG DNA linking 2'-DEOXYGUANOSINE-5'-MONOPHOSPHATE 'C10 H14 N5 O7 P'
DT DNA linking THYMIDINE-5'-MONOPHOSPHATE 'C10 H15 N2 O8 P'
LOC non-polymer N-[(7S)-1,2,3,10-tetramethoxy-9-oxo-6,7-dihydro-5H-benzo[d]heptalen-7-yl]ethanamide 'C22 H25 N O6'
#
# COMPACT_ATOMS: atom_id res chain seq x y z
O4 LOC B . -3.67 4.76 1.23
C12 LOC B . -2.83 3.94 1.61
C13 LOC B . -1.84 4.30 2.73
N1 LOC B . -2.75 2.69 1.14
C11 LOC B . -1.46 2.00 0.99
C14 LOC B . -1.50 1.22 -0.15
C15 LOC B . -2.42 1.92 -0.93
C10 LOC B . -1.25 1.10 2.21
C9 LOC B . 0.22 0.79 2.38
C8 LOC B . 0.56 -0.30 1.60
C7 LOC B . 1.67 -0.96 2.14
C5 LOC B . 2.33 -1.93 1.39
C3 LOC B . 1.89 -2.22 0.11
C1 LOC B . 0.77 -1.60 -0.41
O1 LOC B . 0.63 -1.58 -1.76
C2 LOC B . 1.58 -0.68 -2.33
O2 LOC B . 2.22 -3.45 -0.40
C4 LOC B . 3.60 -3.47 -0.77
O3 LOC B . 3.42 -2.58 1.86
C6 LOC B . 4.43 -1.62 2.20
C22 LOC B . 0.08 -0.64 0.33
C21 LOC B . -0.99 -0.06 -0.34
C20 LOC B . -1.57 -1.11 -1.04
C19 LOC B . -2.49 -0.99 -2.08
C17 LOC B . -3.25 0.11 -2.44
C16 LOC B . -3.27 1.39 -1.91
O5 LOC B . -4.09 2.18 -2.36
O6 LOC B . -4.10 -0.02 -3.49
C18 LOC B . -3.46 0.43 -4.69
H13 LOC B . -0.96 3.66 2.64
H13A LOC B . -2.31 4.12 3.69
H13B LOC B . -1.55 5.34 2.64
HN1 LOC B . -3.54 2.17 0.84
H11 LOC B . -0.65 2.72 0.92
H15 LOC B . -2.52 2.98 -0.73
H10 LOC B . -1.62 1.61 3.10
H10A LOC B . -1.80 0.18 2.07
H9 LOC B . 0.83 1.65 2.10
H9A LOC B . 0.42 0.56 3.43
H7 LOC B . 2.03 -0.69 3.12
H2 LOC B . 1.33 -0.51 -3.38
H2A LOC B . 2.58 -1.09 -2.25
H2B LOC B . 1.54 0.28 -1.79
H4 LOC B . 3.99 -4.48 -0.63
H4A LOC B . 4.16 -2.77 -0.16
H4B LOC B . 3.69 -3.20 -1.83
H6 LOC B . 4.19 -1.18 3.16
H6A LOC B . 4.45 -0.84 1.44
H6B LOC B . 5.40 -2.12 2.25
H20 LOC B . -1.27 -2.12 -0.79
H19 LOC B . -2.66 -1.89 -2.67
H18 LOC B . -3.68 1.50 -4.84
H18A LOC B . -3.82 -0.13 -5.54
H18B LOC B . -2.38 0.30 -4.59
O4 LOC B . -3.23 4.79 1.07
C12 LOC B . -2.41 3.96 1.45
C13 LOC B . -1.30 4.34 2.44
N1 LOC B . -2.40 2.68 1.07
C11 LOC B . -1.17 1.92 0.86
C14 LOC B . -1.33 1.05 -0.22
C15 LOC B . -2.28 1.72 -0.98
C10 LOC B . -0.88 1.10 2.12
C9 LOC B . 0.60 0.74 2.20
C8 LOC B . 0.83 -0.41 1.48
C7 LOC B . 1.97 -1.07 1.95
C5 LOC B . 2.53 -2.10 1.21
C3 LOC B . 1.98 -2.47 -0.01
C1 LOC B . 0.82 -1.84 -0.46
O1 LOC B . 0.57 -1.91 -1.79
C2 LOC B . 1.51 -1.10 -2.49
O2 LOC B . 2.20 -3.74 -0.45
C4 LOC B . 3.56 -3.88 -0.88
O3 LOC B . 3.63 -2.78 1.63
C6 LOC B . 4.70 -1.85 1.85
C22 LOC B . 0.24 -0.82 0.29
C21 LOC B . -0.86 -0.25 -0.34
C20 LOC B . -1.50 -1.31 -0.97
C19 LOC B . -2.46 -1.24 -1.97
C17 LOC B . -3.24 -0.15 -2.33
C16 LOC B . -3.17 1.18 -1.91
O5 LOC B . -3.96 1.97 -2.41
O6 LOC B . -4.19 -0.35 -3.28
C18 LOC B . -3.69 0.01 -4.56
H13 LOC B . -0.45 3.67 2.33
H13A LOC B . -1.69 4.27 3.46
H13B LOC B . -0.98 5.37 2.25
HN1 LOC B . -3.24 2.17 0.88
H11 LOC B . -0.34 2.60 0.68
H15 LOC B . -2.35 2.80 -0.84
H10 LOC B . -1.16 1.68 2.99
H10A LOC B . -1.47 0.19 2.09
H9 LOC B . 1.19 1.56 1.79
H9A LOC B . 0.87 0.59 3.24
H7 LOC B . 2.43 -0.75 2.88
H2 LOC B . 1.21 -1.00 -3.54
H2A LOC B . 2.50 -1.57 -2.45
H2B LOC B . 1.58 -0.11 -2.03
H4 LOC B . 3.88 -4.90 -0.69
H4A LOC B . 4.19 -3.18 -0.33
H4B LOC B . 3.63 -3.67 -1.94
H6 LOC B . 4.56 -1.37 2.82
H6A LOC B . 4.69 -1.10 1.06
H6B LOC B . 5.65 -2.38 1.84
H20 LOC B . -1.18 -2.32 -0.70
H19 LOC B . -2.65 -2.17 -2.51
H18 LOC B . -3.90 1.06 -4.76
H18A LOC B . -4.16 -0.60 -5.33
H18B LOC B . -2.61 -0.15 -4.58
O4 LOC B . -2.65 4.75 1.09
C12 LOC B . -1.87 3.85 1.42
C13 LOC B . -0.80 4.11 2.49
N1 LOC B . -1.92 2.60 0.96
C11 LOC B . -0.72 1.76 0.78
C14 LOC B . -0.90 0.97 -0.34
C15 LOC B . -1.79 1.72 -1.08
C10 LOC B . -0.56 0.88 2.01
C9 LOC B . 0.87 0.40 2.13
C8 LOC B . 1.07 -0.73 1.36
C7 LOC B . 2.15 -1.46 1.84
C5 LOC B . 2.69 -2.48 1.07
C3 LOC B . 2.19 -2.74 -0.20
C1 LOC B . 1.08 -2.03 -0.66
O1 LOC B . 0.88 -2.00 -1.99
C2 LOC B . 1.89 -1.21 -2.62
O2 LOC B . 2.43 -3.96 -0.74
C4 LOC B . 3.82 -4.09 -1.06
O3 LOC B . 3.75 -3.23 1.50
C6 LOC B . 4.86 -2.36 1.78
C22 LOC B . 0.50 -1.03 0.12
C21 LOC B . -0.53 -0.36 -0.51
C20 LOC B . -1.29 -1.38 -1.11
C19 LOC B . -2.32 -1.22 -2.02
C17 LOC B . -2.95 -0.03 -2.41
C16 LOC B . -2.81 1.26 -1.92
O5 LOC B . -3.59 2.11 -2.31
O6 LOC B . -3.78 -0.09 -3.48
C18 LOC B . -3.05 0.29 -4.65
H13 LOC B . 0.00 3.39 2.38
H13A LOC B . -1.26 3.98 3.48
H13B LOC B . -0.42 5.12 2.39
HN1 LOC B . -2.78 2.17 0.65
H11 LOC B . 0.16 2.40 0.66
H15 LOC B . -1.74 2.81 -0.95
H10 LOC B . -0.84 1.45 2.89
H10A LOC B . -1.23 0.02 1.92
H9 LOC B . 1.55 1.20 1.80
H9A LOC B . 1.09 0.18 3.18
H7 LOC B . 2.57 -1.23 2.83
H2 LOC B . 1.62 -1.05 -3.66
H2A LOC B . 2.84 -1.74 -2.57
H2B LOC B . 1.97 -0.26 -2.11
H4 LOC B . 4.12 -5.13 -0.91
H4A LOC B . 4.40 -3.44 -0.41
H4B LOC B . 3.97 -3.81 -2.10
H6 LOC B . 4.74 -1.94 2.77
H6A LOC B . 4.87 -1.55 1.04
H6B LOC B . 5.78 -2.92 1.72
H20 LOC B . -1.03 -2.41 -0.86
H19 LOC B . -2.66 -2.12 -2.53
H18 LOC B . -3.14 1.37 -4.80
H18A LOC B . -3.43 -0.24 -5.51
H18B LOC B . -2.00 0.04 -4.50
O4 LOC B . -3.48 4.91 1.09
C12 LOC B . -2.63 4.11 1.46
C13 LOC B . -1.56 4.49 2.49
N1 LOC B . -2.59 2.83 1.06
C11 LOC B . -1.33 2.09 0.87
C14 LOC B . -1.46 1.25 -0.22
C15 LOC B . -2.43 1.91 -0.98
C10 LOC B . -1.07 1.27 2.12
C9 LOC B . 0.41 0.93 2.24
C8 LOC B . 0.69 -0.22 1.49
C7 LOC B . 1.83 -0.85 1.98
C5 LOC B . 2.43 -1.85 1.23
C3 LOC B . 1.92 -2.20 -0.01
C1 LOC B . 0.75 -1.60 -0.47
O1 LOC B . 0.52 -1.64 -1.81
C2 LOC B . 1.46 -0.81 -2.48
O2 LOC B . 2.19 -3.44 -0.48
C4 LOC B . 3.56 -3.53 -0.89
O3 LOC B . 3.54 -2.51 1.65
C6 LOC B . 4.58 -1.55 1.90
C22 LOC B . 0.13 -0.60 0.27
C21 LOC B . -0.98 -0.04 -0.36
C20 LOC B . -1.61 -1.12 -0.97
C19 LOC B . -2.59 -1.07 -1.95
C17 LOC B . -3.38 0.03 -2.32
C16 LOC B . -3.34 1.34 -1.87
O5 LOC B . -4.16 2.12 -2.35
O6 LOC B . -4.28 -0.16 -3.32
C18 LOC B . -3.70 0.23 -4.57
H13 LOC B . -0.70 3.84 2.37
H13A LOC B . -1.97 4.39 3.49
H13B LOC B . -1.26 5.53 2.32
HN1 LOC B . -3.42 2.31 0.81
H11 LOC B . -0.52 2.80 0.72
H15 LOC B . -2.50 2.98 -0.85
H10 LOC B . -1.38 1.83 3.00
H10A LOC B . -1.65 0.35 2.07
H9 LOC B . 1.01 1.76 1.85
H9A LOC B . 0.68 0.76 3.27
H7 LOC B . 2.26 -0.54 2.92
H2 LOC B . 1.16 -0.70 -3.53
H2A LOC B . 2.46 -1.25 -2.44
H2B LOC B . 1.47 0.17 -2.01
H4 LOC B . 3.93 -4.54 -0.71
H4A LOC B . 4.16 -2.82 -0.31
H4B LOC B . 3.64 -3.30 -1.95
H6 LOC B . 4.43 -1.09 2.86
H6A LOC B . 4.57 -0.80 1.11
H6B LOC B . 5.55 -2.06 1.88
H20 LOC B . -1.27 -2.13 -0.70
H19 LOC B . -2.80 -1.99 -2.47
H18 LOC B . -3.91 1.29 -4.75
H18A LOC B . -4.10 -0.37 -5.36
H18B LOC B . -2.61 0.08 -4.51
O4 LOC B . -3.34 4.96 1.20
C12 LOC B . -2.51 4.13 1.58
C13 LOC B . -1.44 4.53 2.61
N1 LOC B . -2.48 2.86 1.20
C11 LOC B . -1.22 2.12 1.02
C14 LOC B . -1.35 1.27 -0.08
C15 LOC B . -2.28 1.93 -0.87
C10 LOC B . -0.96 1.29 2.27
C9 LOC B . 0.52 0.96 2.38
C8 LOC B . 0.80 -0.19 1.64
C7 LOC B . 1.92 -0.83 2.14
C5 LOC B . 2.51 -1.86 1.43
C3 LOC B . 1.99 -2.23 0.19
C1 LOC B . 0.85 -1.60 -0.29
O1 LOC B . 0.65 -1.65 -1.63
C2 LOC B . 1.60 -0.83 -2.30
O2 LOC B . 2.24 -3.50 -0.24
C4 LOC B . 3.60 -3.64 -0.65
O3 LOC B . 3.62 -2.52 1.87
C6 LOC B . 4.66 -1.57 2.12
C22 LOC B . 0.24 -0.58 0.44
C21 LOC B . -0.86 -0.03 -0.22
C20 LOC B . -1.47 -1.09 -0.87
C19 LOC B . -2.37 -1.01 -1.91
C17 LOC B . -3.16 0.07 -2.28
C16 LOC B . -3.12 1.39 -1.84
O5 LOC B . -3.90 2.18 -2.35
O6 LOC B . -4.10 -0.12 -3.24
C18 LOC B . -3.57 0.24 -4.51
H13 LOC B . -0.58 3.87 2.51
H13A LOC B . -1.85 4.44 3.62
H13B LOC B . -1.13 5.56 2.43
HN1 LOC B . -3.31 2.33 0.98
H11 LOC B . -0.40 2.82 0.85
H15 LOC B . -2.39 3.00 -0.68
H10 LOC B . -1.28 1.86 3.14
H10A LOC B . -1.53 0.36 2.21
H9 LOC B . 1.11 1.79 2.01
H9A LOC B . 0.76 0.77 3.43
H7 LOC B . 2.35 -0.51 3.10
H2 LOC B . 1.33 -0.73 -3.35
H2A LOC B . 2.60 -1.30 -2.23
H2B LOC B . 1.63 0.15 -1.82
H4 LOC B . 3.92 -4.66 -0.47
H4A LOC B . 4.22 -2.96 -0.08
H4B LOC B . 3.68 -3.41 -1.72
H6 LOC B . 4.48 -1.09 3.09
H6A LOC B . 4.65 -0.80 1.34
H6B LOC B . 5.62 -2.07 2.14
H20 LOC B . -1.17 -2.10 -0.58
H19 LOC B . -2.52 -1.92 -2.49
H18 LOC B . -3.80 1.28 -4.72
H18A LOC B . -4.03 -0.39 -5.29
H18B LOC B . -2.49 0.08 -4.52
O4 LOC B . -3.03 4.80 1.58
C12 LOC B . -2.22 3.94 1.92
C13 LOC B . -1.13 4.23 2.95
N1 LOC B . -2.25 2.68 1.45
C11 LOC B . -1.02 1.90 1.23
C14 LOC B . -1.20 1.10 0.12
C15 LOC B . -2.13 1.83 -0.61
C10 LOC B . -0.79 1.01 2.45
C9 LOC B . 0.68 0.61 2.53
C8 LOC B . 0.91 -0.51 1.74
C7 LOC B . 2.02 -1.21 2.19
C5 LOC B . 2.58 -2.21 1.39
C3 LOC B . 2.04 -2.49 0.15
C1 LOC B . 0.90 -1.81 -0.28
O1 LOC B . 0.67 -1.80 -1.62
C2 LOC B . 1.64 -0.96 -2.27
O2 LOC B . 2.27 -3.72 -0.38
C4 LOC B . 3.65 -3.83 -0.77
O3 LOC B . 3.66 -2.93 1.79
C6 LOC B . 4.75 -2.04 2.06
C22 LOC B . 0.32 -0.83 0.51
C21 LOC B . -0.77 -0.21 -0.08
C20 LOC B . -1.44 -1.24 -0.74
C19 LOC B . -2.43 -1.08 -1.71
C17 LOC B . -3.16 0.05 -2.03
C16 LOC B . -3.04 1.35 -1.54
O5 LOC B . -3.84 2.19 -1.98
O6 LOC B . -4.07 -0.05 -3.02
C18 LOC B . -3.48 0.37 -4.25
H13 LOC B . -0.30 3.56 2.81
H13A LOC B . -1.55 4.10 3.95
H13B LOC B . -0.80 5.26 2.83
HN1 LOC B . -3.09 2.23 1.17
H11 LOC B . -0.17 2.57 1.09
H15 LOC B . -2.17 2.90 -0.41
H10 LOC B . -1.06 1.56 3.35
H10A LOC B . -1.40 0.12 2.36
H9 LOC B . 1.32 1.43 2.19
H9A LOC B . 0.93 0.37 3.56
H7 LOC B . 2.47 -0.96 3.14
H2 LOC B . 1.34 -0.80 -3.30
H2A LOC B . 2.61 -1.45 -2.24
H2B LOC B . 1.69 -0.01 -1.74
H4 LOC B . 3.98 -4.85 -0.63
H4A LOC B . 4.25 -3.15 -0.17
H4B LOC B . 3.74 -3.57 -1.83
H6 LOC B . 4.62 -1.61 3.06
H6A LOC B . 4.75 -1.24 1.32
H6B LOC B . 5.69 -2.58 2.03
H20 LOC B . -1.14 -2.26 -0.51
H19 LOC B . -2.68 -1.99 -2.27
H18 LOC B . -3.65 1.44 -4.38
H18A LOC B . -3.91 -0.17 -5.09
H18B LOC B . -2.40 0.17 -4.20
O4 LOC B . -2.65 4.72 1.13
C12 LOC B . -1.88 3.84 1.47
C13 LOC B . -0.81 4.10 2.53
N1 LOC B . -1.94 2.58 1.02
C11 LOC B . -0.74 1.75 0.82
C14 LOC B . -0.91 0.96 -0.30
C15 LOC B . -1.80 1.72 -1.04
C10 LOC B . -0.57 0.86 2.05
C9 LOC B . 0.89 0.41 2.16
C8 LOC B . 1.08 -0.73 1.38
C7 LOC B . 2.15 -1.46 1.87
C5 LOC B . 2.70 -2.49 1.10
C3 LOC B . 2.18 -2.76 -0.16
C1 LOC B . 1.08 -2.05 -0.62
O1 LOC B . 0.87 -2.02 -1.96
C2 LOC B . 1.88 -1.23 -2.59
O2 LOC B . 2.38 -4.01 -0.67
C4 LOC B . 3.75 -4.17 -1.03
O3 LOC B . 3.74 -3.24 1.52
C6 LOC B . 4.85 -2.38 1.81
C22 LOC B . 0.51 -1.03 0.15
C21 LOC B . -0.53 -0.36 -0.48
C20 LOC B . -1.26 -1.36 -1.12
C19 LOC B . -2.23 -1.19 -2.10
C17 LOC B . -2.89 -0.02 -2.45
C16 LOC B . -2.76 1.27 -1.94
O5 LOC B . -3.53 2.13 -2.38
O6 LOC B . -3.78 -0.08 -3.48
C18 LOC B . -3.12 0.29 -4.69
H13 LOC B . 0.00 3.38 2.41
H13A LOC B . -1.24 3.98 3.52
H13B LOC B . -0.42 5.10 2.42
HN1 LOC B . -2.80 2.15 0.73
H11 LOC B . 0.13 2.39 0.70
H15 LOC B . -1.80 2.80 -0.87
H10 LOC B . -0.84 1.42 2.94
H10A LOC B . -1.21 -0.01 1.95
H9 LOC B . 1.54 1.21 1.81
H9A LOC B . 1.11 0.18 3.21
H7 LOC B . 2.59 -1.22 2.84
H2 LOC B . 1.62 -1.07 -3.63
H2A LOC B . 2.84 -1.75 -2.55
H2B LOC B . 1.97 -0.28 -2.07
H4 LOC B . 4.04 -5.21 -0.87
H4A LOC B . 4.37 -3.52 -0.41
H4B LOC B . 3.89 -3.90 -2.08
H6 LOC B . 4.73 -1.95 2.80
H6A LOC B . 4.88 -1.58 1.07
H6B LOC B . 5.78 -2.95 1.77
H20 LOC B . -1.03 -2.40 -0.85
H19 LOC B . -2.52 -2.08 -2.64
H18 LOC B . -3.23 1.36 -4.85
H18A LOC B . -3.55 -0.26 -5.53
H18B LOC B . -2.06 0.05 -4.61
O4 LOC B . -3.03 4.79 1.61
C12 LOC B . -2.21 3.93 1.93
C13 LOC B . -1.14 4.21 2.97
N1 LOC B . -2.23 2.68 1.45
C11 LOC B . -1.01 1.89 1.24
C14 LOC B . -1.17 1.11 0.10
C15 LOC B . -2.12 1.84 -0.61
C10 LOC B . -0.79 1.00 2.44
C9 LOC B . 0.67 0.57 2.54
C8 LOC B . 0.89 -0.54 1.75
C7 LOC B . 2.00 -1.25 2.20
C5 LOC B . 2.57 -2.23 1.40
C3 LOC B . 2.04 -2.49 0.14
C1 LOC B . 0.90 -1.82 -0.28
O1 LOC B . 0.67 -1.79 -1.63
C2 LOC B . 1.64 -0.96 -2.26
O2 LOC B . 2.29 -3.72 -0.41
C4 LOC B . 3.66 -3.81 -0.78
O3 LOC B . 3.65 -2.97 1.79
C6 LOC B . 4.73 -2.07 2.07
C22 LOC B . 0.32 -0.84 0.51
C21 LOC B . -0.76 -0.20 -0.10
C20 LOC B . -1.46 -1.23 -0.73
C19 LOC B . -2.48 -1.08 -1.66
C17 LOC B . -3.17 0.07 -2.00
C16 LOC B . -3.09 1.36 -1.48
O5 LOC B . -3.90 2.18 -1.88
O6 LOC B . -4.06 -0.02 -3.02
C18 LOC B . -3.41 0.42 -4.23
H13 LOC B . -0.30 3.52 2.83
H13A LOC B . -1.56 4.06 3.97
H13B LOC B . -0.78 5.24 2.87
HN1 LOC B . -3.07 2.22 1.18
H11 LOC B . -0.15 2.56 1.11
H15 LOC B . -2.11 2.92 -0.46
H10 LOC B . -1.06 1.54 3.35
H10A LOC B . -1.41 0.11 2.36
H9 LOC B . 1.31 1.39 2.20
H9A LOC B . 0.92 0.34 3.58
H7 LOC B . 2.44 -1.01 3.16
H2 LOC B . 1.35 -0.79 -3.30
H2A LOC B . 2.61 -1.45 -2.24
H2B LOC B . 1.70 0.00 -1.73
H4 LOC B . 4.00 -4.84 -0.63
H4A LOC B . 4.25 -3.14 -0.17
H4B LOC B . 3.77 -3.55 -1.83
H6 LOC B . 4.60 -1.66 3.07
H6A LOC B . 4.74 -1.27 1.34
H6B LOC B . 5.67 -2.61 2.03
H20 LOC B . -1.16 -2.24 -0.51
H19 LOC B . -2.76 -1.99 -2.20
H18 LOC B . -3.57 1.49 -4.36
H18A LOC B . -3.83 -0.12 -5.08
H18B LOC B . -2.35 0.21 -4.16
O4 LOC B . -2.97 4.75 1.48
C12 LOC B . -2.16 3.90 1.83
C13 LOC B . -1.06 4.22 2.84
N1 LOC B . -2.18 2.62 1.40
C11 LOC B . -0.96 1.84 1.17
C14 LOC B . -1.15 1.03 0.06
C15 LOC B . -2.08 1.75 -0.68
C10 LOC B . -0.71 0.97 2.39
C9 LOC B . 0.75 0.57 2.47
C8 LOC B . 0.98 -0.55 1.69
C7 LOC B . 2.09 -1.26 2.16
C5 LOC B . 2.63 -2.27 1.40
C3 LOC B . 2.07 -2.59 0.16
C1 LOC B . 0.95 -1.90 -0.28
O1 LOC B . 0.71 -1.92 -1.62
C2 LOC B . 1.68 -1.11 -2.29
O2 LOC B . 2.27 -3.84 -0.33
C4 LOC B . 3.63 -3.99 -0.75
O3 LOC B . 3.72 -3.00 1.79
C6 LOC B . 4.80 -2.10 2.05
C22 LOC B . 0.38 -0.89 0.48
C21 LOC B . -0.71 -0.27 -0.13
C20 LOC B . -1.37 -1.30 -0.78
C19 LOC B . -2.33 -1.16 -1.78
C17 LOC B . -3.08 -0.04 -2.10
C16 LOC B . -2.97 1.26 -1.62
O5 LOC B . -3.74 2.10 -2.10
O6 LOC B . -4.04 -0.17 -3.05
C18 LOC B . -3.48 0.21 -4.32
H13 LOC B . -0.22 3.52 2.70
H13A LOC B . -1.45 4.11 3.85
H13B LOC B . -0.71 5.23 2.69
HN1 LOC B . -3.04 2.15 1.16
H11 LOC B . -0.12 2.51 1.01
H15 LOC B . -2.13 2.82 -0.48
H10 LOC B . -0.99 1.53 3.29
H10A LOC B . -1.32 0.07 2.32
H9 LOC B . 1.38 1.40 2.12
H9A LOC B . 1.01 0.36 3.52
H7 LOC B . 2.55 -0.97 3.11
H2 LOC B . 1.37 -0.97 -3.32
H2A LOC B . 2.65 -1.60 -2.26
H2B LOC B . 1.74 -0.14 -1.79
H4 LOC B . 3.95 -5.02 -0.59
H4A LOC B . 4.27 -3.33 -0.17
H4B LOC B . 3.72 -3.75 -1.81
H6 LOC B . 4.67 -1.65 3.03
H6A LOC B . 4.80 -1.32 1.29
H6B LOC B . 5.74 -2.65 2.01
H20 LOC B . -1.09 -2.33 -0.53
H19 LOC B . -2.54 -2.06 -2.36
H18 LOC B . -3.66 1.28 -4.47
H18A LOC B . -3.96 -0.36 -5.11
H18B LOC B . -2.41 0.02 -4.31
O4 LOC B . -3.17 4.61 1.23
C12 LOC B . -2.35 3.76 1.57
C13 LOC B . -1.34 4.05 2.69
N1 LOC B . -2.32 2.52 1.08
C11 LOC B . -1.08 1.75 0.94
C14 LOC B . -1.17 0.97 -0.21
C15 LOC B . -2.07 1.69 -0.96
C10 LOC B . -0.94 0.84 2.15
C9 LOC B . 0.52 0.42 2.34
C8 LOC B . 0.80 -0.68 1.55
C7 LOC B . 1.88 -1.38 2.06
C5 LOC B . 2.50 -2.35 1.30
C3 LOC B . 2.06 -2.62 0.01
C1 LOC B . 0.95 -1.94 -0.49
O1 LOC B . 0.79 -1.91 -1.83
C2 LOC B . 1.77 -1.07 -2.41
O2 LOC B . 2.35 -3.84 -0.53
C4 LOC B . 3.72 -3.91 -0.88
O3 LOC B . 3.56 -3.08 1.76
C6 LOC B . 4.62 -2.19 2.11
C22 LOC B . 0.30 -0.98 0.28
C21 LOC B . -0.74 -0.34 -0.38
C20 LOC B . -1.42 -1.37 -1.04
C19 LOC B . -2.41 -1.23 -2.00
C17 LOC B . -3.08 -0.08 -2.39
C16 LOC B . -3.02 1.20 -1.85
O5 LOC B . -3.84 2.02 -2.26
O6 LOC B . -3.89 -0.16 -3.48
C18 LOC B . -3.17 0.29 -4.62
H13 LOC B . -0.50 3.37 2.60
H13A LOC B . -1.83 3.90 3.66
H13B LOC B . -1.00 5.08 2.61
HN1 LOC B . -3.14 2.04 0.76
H11 LOC B . -0.23 2.42 0.87
H15 LOC B . -2.09 2.78 -0.81
H10 LOC B . -1.27 1.38 3.04
H10A LOC B . -1.55 -0.04 2.03
H9 LOC B . 1.17 1.25 2.08
H9A LOC B . 0.68 0.17 3.39
H7 LOC B . 2.26 -1.15 3.06
H2 LOC B . 1.53 -0.89 -3.46
H2A LOC B . 2.76 -1.54 -2.34
H2B LOC B . 1.80 -0.11 -1.88
H4 LOC B . 4.09 -4.92 -0.69
H4A LOC B . 4.30 -3.21 -0.27
H4B LOC B . 3.84 -3.67 -1.93
H6 LOC B . 4.40 -1.73 3.08
H6A LOC B . 4.70 -1.41 1.36
H6B LOC B . 5.56 -2.74 2.16
H20 LOC B . -1.14 -2.40 -0.80
H19 LOC B . -2.67 -2.14 -2.53
H18 LOC B . -3.31 1.35 -4.76
H18A LOC B . -3.53 -0.25 -5.50
H18B LOC B . -2.11 0.08 -4.47
O4 LOC B . -2.95 4.82 1.49
C12 LOC B . -2.15 3.94 1.81
C13 LOC B . -1.08 4.20 2.88
N1 LOC B . -2.19 2.68 1.36
C11 LOC B . -0.98 1.86 1.15
C14 LOC B . -1.16 1.07 0.03
C15 LOC B . -2.10 1.80 -0.68
C10 LOC B . -0.79 0.98 2.38
C9 LOC B . 0.66 0.54 2.49
C8 LOC B . 0.86 -0.60 1.70
C7 LOC B . 1.98 -1.30 2.16
C5 LOC B . 2.54 -2.29 1.36
C3 LOC B . 2.01 -2.55 0.10
C1 LOC B . 0.87 -1.88 -0.31
O1 LOC B . 0.63 -1.85 -1.66
C2 LOC B . 1.61 -1.04 -2.31
O2 LOC B . 2.28 -3.76 -0.45
C4 LOC B . 3.66 -3.85 -0.80
O3 LOC B . 3.60 -3.03 1.76
C6 LOC B . 4.70 -2.15 2.03
C22 LOC B . 0.28 -0.91 0.48
C21 LOC B . -0.79 -0.26 -0.13
C20 LOC B . -1.52 -1.29 -0.72
C19 LOC B . -2.58 -1.14 -1.61
C17 LOC B . -3.23 0.03 -2.00
C16 LOC B . -3.10 1.32 -1.51
O5 LOC B . -3.93 2.15 -1.88
O6 LOC B . -4.08 -0.05 -3.05
C18 LOC B . -3.38 0.37 -4.23
H13 LOC B . -0.26 3.50 2.74
H13A LOC B . -1.51 4.06 3.87
H13B LOC B . -0.71 5.22 2.77
HN1 LOC B . -3.04 2.25 1.04
H11 LOC B . -0.12 2.52 1.02
H15 LOC B . -2.10 2.88 -0.52
H10 LOC B . -1.06 1.55 3.27
H10A LOC B . -1.44 0.11 2.30
H9 LOC B . 1.32 1.34 2.14
H9A LOC B . 0.89 0.31 3.53
H7 LOC B . 2.41 -1.07 3.13
H2 LOC B . 1.32 -0.88 -3.35
H2A LOC B . 2.58 -1.54 -2.28
H2B LOC B . 1.69 -0.08 -1.80
H4 LOC B . 4.01 -4.87 -0.66
H4A LOC B . 4.24 -3.18 -0.16
H4B LOC B . 3.80 -3.56 -1.85
H6 LOC B . 4.60 -1.72 3.03
H6A LOC B . 4.70 -1.34 1.29
H6B LOC B . 5.64 -2.70 1.98
H20 LOC B . -1.24 -2.30 -0.48
H19 LOC B . -2.93 -2.06 -2.09
H18 LOC B . -3.51 1.44 -4.37
H18A LOC B . -3.78 -0.16 -5.10
H18B LOC B . -2.32 0.15 -4.12
O4 LOC B . -3.23 4.60 1.22
C12 LOC B . -2.42 3.75 1.60
C13 LOC B . -1.39 4.06 2.68
N1 LOC B . -2.38 2.50 1.12
C11 LOC B . -1.13 1.75 0.96
C14 LOC B . -1.22 0.97 -0.19
C15 LOC B . -2.13 1.68 -0.97
C10 LOC B . -0.94 0.85 2.16
C9 LOC B . 0.53 0.47 2.33
C8 LOC B . 0.82 -0.63 1.54
C7 LOC B . 1.93 -1.31 2.05
C5 LOC B . 2.55 -2.28 1.27
C3 LOC B . 2.09 -2.56 -0.02
C1 LOC B . 0.96 -1.90 -0.49
O1 LOC B . 0.79 -1.87 -1.84
C2 LOC B . 1.76 -1.02 -2.44
O2 LOC B . 2.37 -3.77 -0.55
C4 LOC B . 3.75 -3.86 -0.91
O3 LOC B . 3.63 -2.99 1.70
C6 LOC B . 4.66 -2.08 2.07
C22 LOC B . 0.31 -0.93 0.29
C21 LOC B . -0.75 -0.33 -0.38
C20 LOC B . -1.36 -1.36 -1.08
C19 LOC B . -2.29 -1.23 -2.11
C17 LOC B . -3.02 -0.10 -2.47
C16 LOC B . -2.97 1.19 -1.95
O5 LOC B . -3.77 2.01 -2.42
O6 LOC B . -3.89 -0.23 -3.50
C18 LOC B . -3.27 0.22 -4.70
H13 LOC B . -0.53 3.40 2.58
H13A LOC B . -1.85 3.92 3.66
H13B LOC B . -1.06 5.10 2.59
HN1 LOC B . -3.21 2.01 0.81
H11 LOC B . -0.30 2.44 0.87
H15 LOC B . -2.19 2.75 -0.77
H10 LOC B . -1.28 1.37 3.05
H10A LOC B . -1.53 -0.06 2.03
H9 LOC B . 1.16 1.31 2.06
H9A LOC B . 0.71 0.22 3.38
H7 LOC B . 2.32 -1.06 3.02
H2 LOC B . 1.52 -0.86 -3.48
H2A LOC B . 2.75 -1.50 -2.36
H2B LOC B . 1.78 -0.06 -1.90
H4 LOC B . 4.10 -4.88 -0.73
H4A LOC B . 4.33 -3.16 -0.30
H4B LOC B . 3.87 -3.62 -1.97
H6 LOC B . 4.44 -1.63 3.03
H6A LOC B . 4.74 -1.29 1.32
H6B LOC B . 5.62 -2.61 2.13
H20 LOC B . -1.07 -2.38 -0.84
H19 LOC B . -2.48 -2.13 -2.70
H18 LOC B . -3.46 1.29 -4.83
H18A LOC B . -3.66 -0.32 -5.54
H18B LOC B . -2.19 0.06 -4.62
O4 LOC B . -3.48 4.74 1.32
C12 LOC B . -2.66 3.90 1.69
C13 LOC B . -1.62 4.22 2.76
N1 LOC B . -2.65 2.63 1.24
C11 LOC B . -1.39 1.87 1.09
C14 LOC B . -1.51 1.05 -0.03
C15 LOC B . -2.44 1.75 -0.79
C10 LOC B . -1.18 1.01 2.33
C9 LOC B . 0.28 0.63 2.47
C8 LOC B . 0.55 -0.51 1.72
C7 LOC B . 1.67 -1.17 2.21
C5 LOC B . 2.28 -2.16 1.46
C3 LOC B . 1.79 -2.47 0.19
C1 LOC B . 0.64 -1.84 -0.28
O1 LOC B . 0.44 -1.84 -1.62
C2 LOC B . 1.40 -0.99 -2.25
O2 LOC B . 2.09 -3.69 -0.33
C4 LOC B . 3.47 -3.74 -0.71
O3 LOC B . 3.37 -2.84 1.88
C6 LOC B . 4.42 -1.90 2.18
C22 LOC B . 0.01 -0.86 0.48
C21 LOC B . -1.06 -0.25 -0.17
C20 LOC B . -1.72 -1.31 -0.78
C19 LOC B . -2.73 -1.22 -1.73
C17 LOC B . -3.44 -0.09 -2.13
C16 LOC B . -3.39 1.21 -1.65
O5 LOC B . -4.24 2.00 -2.06
O6 LOC B . -4.29 -0.23 -3.19
C18 LOC B . -3.61 0.20 -4.37
H13 LOC B . -0.77 3.55 2.67
H13A LOC B . -2.08 4.09 3.75
H13B LOC B . -1.29 5.26 2.65
HN1 LOC B . -3.46 2.15 0.94
H11 LOC B . -0.55 2.56 0.96
H15 LOC B . -2.45 2.83 -0.68
H10 LOC B . -1.51 1.56 3.21
H10A LOC B . -1.78 0.11 2.22
H9 LOC B . 0.91 1.45 2.13
H9A LOC B . 0.50 0.43 3.52
H7 LOC B . 2.07 -0.91 3.20
H2 LOC B . 1.14 -0.85 -3.30
H2A LOC B . 2.39 -1.45 -2.19
H2B LOC B . 1.43 -0.02 -1.75
H4 LOC B . 3.84 -4.75 -0.55
H4A LOC B . 4.03 -3.04 -0.11
H4B LOC B . 3.57 -3.47 -1.76
H6 LOC B . 4.22 -1.45 3.15
H6A LOC B . 4.44 -1.13 1.42
H6B LOC B . 5.37 -2.42 2.21
H20 LOC B . -1.40 -2.33 -0.54
H19 LOC B . -3.01 -2.16 -2.23
H18 LOC B . -3.80 1.26 -4.53
H18A LOC B . -3.98 -0.37 -5.23
H18B LOC B . -2.54 0.03 -4.26
O4 LOC B . -3.13 4.82 1.65
C12 LOC B . -2.30 3.95 1.96
C13 LOC B . -1.21 4.25 2.99
N1 LOC B . -2.31 2.70 1.49
C11 LOC B . -1.08 1.93 1.26
C14 LOC B . -1.25 1.13 0.13
C15 LOC B . -2.21 1.86 -0.57
C10 LOC B . -0.84 1.03 2.47
C9 LOC B . 0.63 0.64 2.56
C8 LOC B . 0.85 -0.48 1.76
C7 LOC B . 1.97 -1.17 2.21
C5 LOC B . 2.55 -2.15 1.41
C3 LOC B . 2.01 -2.43 0.15
C1 LOC B . 0.85 -1.76 -0.25
O1 LOC B . 0.60 -1.75 -1.59
C2 LOC B . 1.56 -0.91 -2.24
O2 LOC B . 2.26 -3.65 -0.39
C4 LOC B . 3.63 -3.74 -0.78
O3 LOC B . 3.63 -2.87 1.78
C6 LOC B . 4.71 -1.97 2.07
C22 LOC B . 0.27 -0.79 0.54
C21 LOC B . -0.82 -0.16 -0.06
C20 LOC B . -1.51 -1.20 -0.67
C19 LOC B . -2.55 -1.07 -1.61
C17 LOC B . -3.27 0.06 -1.94
C16 LOC B . -3.18 1.35 -1.44
O5 LOC B . -4.00 2.18 -1.84
O6 LOC B . -4.16 -0.04 -2.97
C18 LOC B . -3.53 0.39 -4.17
H13 LOC B . -0.38 3.56 2.84
H13A LOC B . -1.63 4.10 3.99
H13B LOC B . -0.87 5.28 2.89
HN1 LOC B . -3.15 2.23 1.22
H11 LOC B . -0.24 2.61 1.14
H15 LOC B . -2.22 2.94 -0.41
H10 LOC B . -1.12 1.58 3.37
H10A LOC B . -1.46 0.14 2.39
H9 LOC B . 1.25 1.46 2.22
H9A LOC B . 0.89 0.41 3.59
H7 LOC B . 2.43 -0.91 3.17
H2 LOC B . 1.27 -0.75 -3.28
H2A LOC B . 2.55 -1.40 -2.22
H2B LOC B . 1.62 0.05 -1.72
H4 LOC B . 3.98 -4.76 -0.63
H4A LOC B . 4.22 -3.05 -0.17
H4B LOC B . 3.73 -3.48 -1.83
H6 LOC B . 4.58 -1.55 3.06
H6A LOC B . 4.70 -1.17 1.33
H6B LOC B . 5.66 -2.50 2.02
H20 LOC B . -1.20 -2.22 -0.46
H19 LOC B . -2.81 -1.98 -2.14
H18 LOC B . -3.71 1.46 -4.31
H18A LOC B . -3.96 -0.14 -5.02
H18B LOC B . -2.47 0.21 -4.11
O4 LOC B . -2.95 4.82 1.49
C12 LOC B . -2.16 3.94 1.83
C13 LOC B . -1.09 4.20 2.88
N1 LOC B . -2.20 2.68 1.35
C11 LOC B . -0.98 1.88 1.15
C14 LOC B . -1.16 1.08 0.03
C15 LOC B . -2.10 1.81 -0.67
C10 LOC B . -0.80 0.99 2.38
C9 LOC B . 0.66 0.54 2.49
C8 LOC B . 0.86 -0.59 1.69
C7 LOC B . 1.97 -1.29 2.15
C5 LOC B . 2.54 -2.29 1.36
C3 LOC B . 2.01 -2.55 0.10
C1 LOC B . 0.88 -1.87 -0.32
O1 LOC B . 0.64 -1.85 -1.67
C2 LOC B . 1.62 -1.03 -2.31
O2 LOC B . 2.27 -3.76 -0.45
C4 LOC B . 3.66 -3.84 -0.81
O3 LOC B . 3.61 -3.02 1.76
C6 LOC B . 4.69 -2.14 2.03
C22 LOC B . 0.29 -0.90 0.47
C21 LOC B . -0.78 -0.24 -0.15
C20 LOC B . -1.52 -1.27 -0.74
C19 LOC B . -2.56 -1.12 -1.63
C17 LOC B . -3.22 0.04 -2.02
C16 LOC B . -3.10 1.33 -1.51
O5 LOC B . -3.92 2.17 -1.90
O6 LOC B . -4.08 -0.03 -3.06
C18 LOC B . -3.39 0.38 -4.25
H13 LOC B . -0.26 3.50 2.74
H13A LOC B . -1.51 4.07 3.87
H13B LOC B . -0.71 5.23 2.78
HN1 LOC B . -3.04 2.25 1.04
H11 LOC B . -0.12 2.52 1.03
H15 LOC B . -2.09 2.89 -0.53
H10 LOC B . -1.06 1.55 3.27
H10A LOC B . -1.44 0.12 2.29
H9 LOC B . 1.31 1.34 2.15
H9A LOC B . 0.89 0.30 3.52
H7 LOC B . 2.41 -1.06 3.12
H2 LOC B . 1.33 -0.86 -3.35
H2A LOC B . 2.59 -1.53 -2.29
H2B LOC B . 1.70 -0.07 -1.80
H4 LOC B . 4.00 -4.88 -0.66
H4A LOC B . 4.24 -3.19 -0.17
H4B LOC B . 3.79 -3.56 -1.86
H6 LOC B . 4.59 -1.72 3.02
H6A LOC B . 4.70 -1.34 1.29
H6B LOC B . 5.63 -2.69 1.97
H20 LOC B . -1.23 -2.29 -0.50
H19 LOC B . -2.90 -2.04 -2.12
H18 LOC B . -3.51 1.46 -4.39
H18A LOC B . -3.78 -0.15 -5.11
H18B LOC B . -2.33 0.16 -4.13
O4 LOC B . -3.82 4.68 1.19
C12 LOC B . -2.97 3.87 1.58
C13 LOC B . -2.02 4.22 2.72
N1 LOC B . -2.85 2.63 1.09
C11 LOC B . -1.54 1.97 0.94
C14 LOC B . -1.55 1.20 -0.22
C15 LOC B . -2.45 1.90 -1.02
C10 LOC B . -1.32 1.06 2.14
C9 LOC B . 0.16 0.78 2.34
C8 LOC B . 0.52 -0.32 1.56
C7 LOC B . 1.64 -0.96 2.09
C5 LOC B . 2.33 -1.89 1.32
C3 LOC B . 1.93 -2.15 0.02
C1 LOC B . 0.79 -1.53 -0.49
O1 LOC B . 0.67 -1.49 -1.84
C2 LOC B . 1.62 -0.55 -2.37
O2 LOC B . 2.31 -3.33 -0.54
C4 LOC B . 3.71 -3.30 -0.86
O3 LOC B . 3.44 -2.53 1.78
C6 LOC B . 4.41 -1.55 2.17
C22 LOC B . 0.07 -0.63 0.28
C21 LOC B . -1.00 -0.06 -0.40
C20 LOC B . -1.53 -1.10 -1.16
C19 LOC B . -2.42 -1.00 -2.22
C17 LOC B . -3.20 0.10 -2.58
C16 LOC B . -3.25 1.38 -2.04
O5 LOC B . -4.07 2.16 -2.50
O6 LOC B . -4.03 -0.05 -3.64
C18 LOC B . -3.39 0.45 -4.81
H13 LOC B . -1.12 3.60 2.64
H13A LOC B . -2.50 4.02 3.67
H13B LOC B . -1.75 5.27 2.66
HN1 LOC B . -3.62 2.10 0.73
H11 LOC B . -0.75 2.73 0.90
H15 LOC B . -2.57 2.96 -0.82
H10 LOC B . -1.72 1.56 3.03
H10A LOC B . -1.86 0.13 1.98
H9 LOC B . 0.75 1.64 2.03
H9A LOC B . 0.36 0.56 3.38
H7 LOC B . 1.98 -0.72 3.09
H2 LOC B . 1.40 -0.38 -3.43
H2A LOC B . 2.62 -0.97 -2.28
H2B LOC B . 1.56 0.39 -1.82
H4 LOC B . 4.12 -4.31 -0.74
H4A LOC B . 4.21 -2.62 -0.16
H4B LOC B . 3.86 -2.95 -1.87
H6 LOC B . 4.13 -1.14 3.14
H6A LOC B . 4.44 -0.75 1.43
H6B LOC B . 5.39 -2.03 2.23
H20 LOC B . -1.17 -2.11 -0.94
H19 LOC B . -2.54 -1.89 -2.83
H18 LOC B . -3.64 1.50 -4.94
H18A LOC B . -3.73 -0.11 -5.68
H18B LOC B . -2.31 0.34 -4.70
O4 LOC B . -3.68 4.81 1.09
C12 LOC B . -2.85 4.00 1.47
C13 LOC B . -1.85 4.35 2.58
N1 LOC B . -2.77 2.74 1.02
C11 LOC B . -1.49 2.02 0.89
C14 LOC B . -1.53 1.21 -0.23
C15 LOC B . -2.46 1.88 -1.01
C10 LOC B . -1.30 1.15 2.13
C9 LOC B . 0.17 0.81 2.32
C8 LOC B . 0.49 -0.31 1.57
C7 LOC B . 1.61 -0.95 2.09
C5 LOC B . 2.28 -1.90 1.35
C3 LOC B . 1.85 -2.21 0.06
C1 LOC B . 0.70 -1.61 -0.43
O1 LOC B . 0.53 -1.60 -1.78
C2 LOC B . 1.49 -0.73 -2.38
O2 LOC B . 2.19 -3.42 -0.46
C4 LOC B . 3.58 -3.42 -0.80
O3 LOC B . 3.38 -2.55 1.80
C6 LOC B . 4.39 -1.59 2.13
C22 LOC B . 0.01 -0.65 0.31
C21 LOC B . -1.06 -0.09 -0.36
C20 LOC B . -1.67 -1.16 -1.01
C19 LOC B . -2.66 -1.08 -1.98
C17 LOC B . -3.39 0.02 -2.39
C16 LOC B . -3.39 1.32 -1.90
O5 LOC B . -4.24 2.09 -2.32
O6 LOC B . -4.19 -0.12 -3.48
C18 LOC B . -3.48 0.35 -4.63
H13 LOC B . -0.97 3.71 2.50
H13A LOC B . -2.33 4.19 3.55
H13B LOC B . -1.56 5.40 2.49
HN1 LOC B . -3.57 2.22 0.71
H11 LOC B . -0.66 2.73 0.82
H15 LOC B . -2.50 2.97 -0.91
H10 LOC B . -1.68 1.68 3.01
H10A LOC B . -1.87 0.23 2.00
H9 LOC B . 0.79 1.65 2.01
H9A LOC B . 0.35 0.62 3.38
H7 LOC B . 1.97 -0.70 3.09
H2 LOC B . 1.25 -0.58 -3.43
H2A LOC B . 2.48 -1.16 -2.28
H2B LOC B . 1.46 0.23 -1.87
H4 LOC B . 3.99 -4.41 -0.65
H4A LOC B . 4.12 -2.70 -0.19
H4B LOC B . 3.70 -3.14 -1.86
H6 LOC B . 4.14 -1.13 3.09
H6A LOC B . 4.41 -0.82 1.36
H6B LOC B . 5.35 -2.07 2.20
H20 LOC B . -1.31 -2.16 -0.77
H19 LOC B . -2.90 -2.02 -2.49
H18 LOC B . -3.67 1.40 -4.79
H18A LOC B . -3.79 -0.22 -5.50
H18B LOC B . -2.41 0.19 -4.47
O4 LOC B . -3.00 4.80 1.48
C12 LOC B . -2.21 3.92 1.83
C13 LOC B . -1.12 4.23 2.87
N1 LOC B . -2.24 2.67 1.38
C11 LOC B . -1.02 1.88 1.17
C14 LOC B . -1.20 1.07 0.05
C15 LOC B . -2.15 1.80 -0.66
C10 LOC B . -0.80 1.00 2.39
C9 LOC B . 0.66 0.58 2.48
C8 LOC B . 0.88 -0.55 1.71
C7 LOC B . 1.99 -1.25 2.16
C5 LOC B . 2.55 -2.26 1.39
C3 LOC B . 2.01 -2.54 0.14
C1 LOC B . 0.88 -1.87 -0.29
O1 LOC B . 0.64 -1.86 -1.64
C2 LOC B . 1.60 -1.05 -2.30
O2 LOC B . 2.24 -3.78 -0.38
C4 LOC B . 3.61 -3.89 -0.78
O3 LOC B . 3.63 -2.99 1.78
C6 LOC B . 4.72 -2.09 2.04
C22 LOC B . 0.30 -0.88 0.48
C21 LOC B . -0.78 -0.24 -0.14
C20 LOC B . -1.50 -1.27 -0.74
C19 LOC B . -2.50 -1.14 -1.69
C17 LOC B . -3.21 0.01 -2.05
C16 LOC B . -3.10 1.30 -1.56
O5 LOC B . -3.89 2.14 -1.98
O6 LOC B . -4.11 -0.10 -3.05
C18 LOC B . -3.49 0.31 -4.28
H13 LOC B . -0.28 3.53 2.73
H13A LOC B . -1.53 4.10 3.86
H13B LOC B . -0.77 5.25 2.74
HN1 LOC B . -3.09 2.21 1.10
H11 LOC B . -0.17 2.54 1.02
H15 LOC B . -2.18 2.87 -0.49
H10 LOC B . -1.06 1.56 3.29
H10A LOC B . -1.42 0.11 2.32
H9 LOC B . 1.30 1.39 2.13
H9A LOC B . 0.91 0.35 3.52
H7 LOC B . 2.45 -0.98 3.12
H2 LOC B . 1.30 -0.89 -3.33
H2A LOC B . 2.58 -1.54 -2.27
H2B LOC B . 1.67 -0.09 -1.79
H4 LOC B . 3.95 -4.92 -0.64
H4A LOC B . 4.22 -3.22 -0.18
H4B LOC B . 3.71 -3.63 -1.83
H6 LOC B . 4.61 -1.66 3.03
H6A LOC B . 4.71 -1.30 1.29
H6B LOC B . 5.66 -2.64 1.99
H20 LOC B . -1.22 -2.29 -0.48
H19 LOC B . -2.78 -2.04 -2.22
H18 LOC B . -3.65 1.38 -4.44
H18A LOC B . -3.92 -0.24 -5.11
H18B LOC B . -2.41 0.11 -4.23
O4 LOC B . -2.93 4.83 1.16
C12 LOC B . -2.14 3.97 1.54
C13 LOC B . -1.07 4.29 2.58
N1 LOC B . -2.18 2.70 1.12
C11 LOC B . -0.95 1.90 0.94
C14 LOC B . -1.11 1.08 -0.18
C15 LOC B . -2.02 1.80 -0.94
C10 LOC B . -0.74 1.03 2.17
C9 LOC B . 0.71 0.62 2.29
C8 LOC B . 0.95 -0.52 1.53
C7 LOC B . 2.04 -1.21 2.02
C5 LOC B . 2.61 -2.23 1.26
C3 LOC B . 2.09 -2.54 0.02
C1 LOC B . 0.97 -1.87 -0.45
O1 LOC B . 0.77 -1.87 -1.80
C2 LOC B . 1.74 -1.06 -2.45
O2 LOC B . 2.32 -3.79 -0.48
C4 LOC B . 3.69 -3.92 -0.88
O3 LOC B . 3.70 -2.95 1.68
C6 LOC B . 4.76 -2.03 1.96
C22 LOC B . 0.38 -0.85 0.31
C21 LOC B . -0.68 -0.23 -0.33
C20 LOC B . -1.36 -1.26 -0.98
C19 LOC B . -2.31 -1.13 -1.98
C17 LOC B . -3.03 0.01 -2.34
C16 LOC B . -2.92 1.31 -1.88
O5 LOC B . -3.69 2.15 -2.35
O6 LOC B . -3.95 -0.12 -3.34
C18 LOC B . -3.34 0.27 -4.57
H13 LOC B . -0.24 3.60 2.47
H13A LOC B . -1.50 4.18 3.58
H13B LOC B . -0.72 5.31 2.43
HN1 LOC B . -3.01 2.23 0.86
H11 LOC B . -0.09 2.56 0.80
H15 LOC B . -2.06 2.87 -0.76
H10 LOC B . -1.03 1.61 3.05
H10A LOC B . -1.38 0.15 2.10
H9 LOC B . 1.35 1.43 1.95
H9A LOC B . 0.94 0.41 3.34
H7 LOC B . 2.49 -0.94 2.98
H2 LOC B . 1.47 -0.93 -3.50
H2A LOC B . 2.72 -1.55 -2.40
H2B LOC B . 1.80 -0.09 -1.96
H4 LOC B . 4.00 -4.95 -0.73
H4A LOC B . 4.30 -3.26 -0.27
H4B LOC B . 3.79 -3.65 -1.93
H6 LOC B . 4.62 -1.59 2.94
H6A LOC B . 4.78 -1.25 1.20
H6B LOC B . 5.71 -2.57 1.94
H20 LOC B . -1.10 -2.29 -0.70
H19 LOC B . -2.55 -2.04 -2.54
H18 LOC B . -3.50 1.33 -4.75
H18A LOC B . -3.78 -0.30 -5.39
H18B LOC B . -2.27 0.06 -4.53
O4 LOC B . -2.95 4.75 1.11
C12 LOC B . -2.17 3.88 1.47
C13 LOC B . -1.07 4.19 2.49
N1 LOC B . -2.19 2.61 1.04
C11 LOC B . -0.98 1.81 0.85
C14 LOC B . -1.16 0.97 -0.25
C15 LOC B . -2.10 1.68 -0.99
C10 LOC B . -0.75 0.97 2.09
C9 LOC B . 0.71 0.55 2.18
C8 LOC B . 0.92 -0.60 1.44
C7 LOC B . 2.04 -1.29 1.92
C5 LOC B . 2.59 -2.32 1.15
C3 LOC B . 2.04 -2.64 -0.08
C1 LOC B . 0.91 -1.98 -0.53
O1 LOC B . 0.66 -2.00 -1.86
C2 LOC B . 1.64 -1.20 -2.54
O2 LOC B . 2.27 -3.89 -0.57
C4 LOC B . 3.64 -4.01 -0.97
O3 LOC B . 3.65 -3.04 1.57
C6 LOC B . 4.75 -2.15 1.82
C22 LOC B . 0.34 -0.96 0.23
C21 LOC B . -0.76 -0.35 -0.39
C20 LOC B . -1.46 -1.39 -0.98
C19 LOC B . -2.45 -1.27 -1.93
C17 LOC B . -3.17 -0.14 -2.32
C16 LOC B . -3.04 1.18 -1.87
O5 LOC B . -3.84 2.00 -2.31
O6 LOC B . -4.07 -0.28 -3.32
C18 LOC B . -3.46 0.11 -4.54
H13 LOC B . -0.25 3.50 2.38
H13A LOC B . -1.48 4.10 3.50
H13B LOC B . -0.71 5.22 2.35
HN1 LOC B . -3.05 2.15 0.79
H11 LOC B . -0.13 2.47 0.67
H15 LOC B . -2.11 2.76 -0.85
H10 LOC B . -1.01 1.56 2.98
H10A LOC B . -1.37 0.09 2.05
H9 LOC B . 1.35 1.35 1.81
H9A LOC B . 0.97 0.36 3.23
H7 LOC B . 2.49 -1.02 2.87
H2 LOC B . 1.34 -1.07 -3.58
H2A LOC B . 2.60 -1.70 -2.50
H2B LOC B . 1.71 -0.22 -2.06
H4 LOC B . 3.97 -5.04 -0.81
H4A LOC B . 4.25 -3.33 -0.37
H4B LOC B . 3.74 -3.76 -2.03
H6 LOC B . 4.63 -1.69 2.79
H6A LOC B . 4.76 -1.38 1.05
H6B LOC B . 5.69 -2.70 1.79
H20 LOC B . -1.19 -2.41 -0.70
H19 LOC B . -2.72 -2.19 -2.45
H18 LOC B . -3.62 1.18 -4.72
H18A LOC B . -3.89 -0.45 -5.37
H18B LOC B . -2.39 -0.09 -4.49
#